data_6ANL
#
_entry.id   6ANL
#
_cell.length_a   69.954
_cell.length_b   69.703
_cell.length_c   74.294
_cell.angle_alpha   90.000
_cell.angle_beta   90.000
_cell.angle_gamma   90.000
#
_symmetry.space_group_name_H-M   'P 21 21 21'
#
loop_
_entity.id
_entity.type
_entity.pdbx_description
1 polymer 'Mitogen-activated protein kinase 14'
2 non-polymer TAK-715
3 water water
#
_entity_poly.entity_id   1
_entity_poly.type   'polypeptide(L)'
_entity_poly.pdbx_seq_one_letter_code
;GAMGSMSQERPTFYRQELNKTIWEVPERYQNLSPVGSGAYGSVCAAFDTKTGLRVAVKKLSRPFQSIIHAKRTYRELRLL
KHMKHENVIGLLDVFTPARSLEEFNDVYLVTHLMGADLNNIVKSQKLTDDHVQFLIYQILRGLKYIHSADIIHRDLKPSN
LAVNEDSELKILDFGLARHTDDEMTGYVATRWYRAPEIMLNWMHYNQTVDIWSVGCIMAELLTGRTLFPGTDHIDQLKLI
LRLVGTPGAELLKKISSESARNYIQSLTQMPKMNFANVFIGANPLAVDLLEKMLVLDSDKRITAAQALAHAYFAQYHDPD
DEPVADPYDQSFESRDLLIDEWKSLTYDEVISFVPPPLDQEEMES
;
_entity_poly.pdbx_strand_id   A
#
loop_
_chem_comp.id
_chem_comp.type
_chem_comp.name
_chem_comp.formula
T75 non-polymer TAK-715 'C24 H21 N3 O S'
#
# COMPACT_ATOMS: atom_id res chain seq x y z
N GLU A 9 30.64 -0.32 -18.55
CA GLU A 9 29.16 -0.38 -18.40
C GLU A 9 28.62 0.52 -17.27
N ARG A 10 29.51 0.86 -16.32
CA ARG A 10 29.16 1.77 -15.22
C ARG A 10 29.04 3.22 -15.71
N PRO A 11 27.90 3.88 -15.45
CA PRO A 11 27.78 5.31 -15.82
C PRO A 11 28.67 6.21 -14.96
N THR A 12 28.89 7.43 -15.43
CA THR A 12 29.64 8.42 -14.68
C THR A 12 28.73 9.02 -13.61
N PHE A 13 29.22 9.01 -12.38
CA PHE A 13 28.47 9.56 -11.25
C PHE A 13 28.96 10.98 -10.98
N TYR A 14 28.09 11.78 -10.37
CA TYR A 14 28.48 13.10 -9.85
C TYR A 14 27.95 13.30 -8.43
N ARG A 15 28.73 14.04 -7.64
CA ARG A 15 28.35 14.41 -6.28
C ARG A 15 27.56 15.72 -6.26
N GLN A 16 26.77 15.91 -5.21
CA GLN A 16 25.95 17.09 -4.99
C GLN A 16 25.46 17.02 -3.54
N GLU A 17 25.60 18.14 -2.81
CA GLU A 17 25.12 18.17 -1.43
C GLU A 17 23.68 18.67 -1.34
N LEU A 18 22.85 17.89 -0.63
CA LEU A 18 21.45 18.20 -0.25
C LEU A 18 20.90 17.07 0.65
N ASN A 19 20.09 17.37 1.67
CA ASN A 19 19.89 18.70 2.24
C ASN A 19 21.16 19.09 2.98
N LYS A 20 21.71 18.13 3.73
CA LYS A 20 23.07 18.17 4.22
C LYS A 20 23.64 16.75 4.09
N THR A 21 23.64 16.26 2.85
CA THR A 21 24.00 14.88 2.53
C THR A 21 24.55 14.80 1.11
N ILE A 22 25.67 14.10 0.96
CA ILE A 22 26.37 13.99 -0.32
C ILE A 22 25.74 12.92 -1.23
N TRP A 23 24.87 13.37 -2.13
CA TRP A 23 24.24 12.52 -3.14
C TRP A 23 25.20 12.24 -4.29
N GLU A 24 25.39 10.96 -4.59
CA GLU A 24 26.22 10.54 -5.70
C GLU A 24 25.37 9.69 -6.63
N VAL A 25 24.99 10.30 -7.76
CA VAL A 25 24.05 9.69 -8.71
C VAL A 25 24.62 9.65 -10.14
N PRO A 26 24.23 8.65 -10.96
CA PRO A 26 24.64 8.68 -12.36
C PRO A 26 24.16 9.95 -13.07
N GLU A 27 24.95 10.37 -14.05
CA GLU A 27 24.76 11.61 -14.79
C GLU A 27 23.40 11.77 -15.43
N ARG A 28 22.75 10.65 -15.74
CA ARG A 28 21.42 10.65 -16.37
C ARG A 28 20.36 11.37 -15.53
N TYR A 29 20.54 11.38 -14.20
CA TYR A 29 19.60 12.03 -13.31
C TYR A 29 20.05 13.45 -13.06
N GLN A 30 19.24 14.39 -13.55
CA GLN A 30 19.61 15.79 -13.58
C GLN A 30 18.62 16.58 -12.75
N ASN A 31 19.01 17.81 -12.40
CA ASN A 31 18.17 18.76 -11.66
C ASN A 31 17.54 18.13 -10.41
N LEU A 32 18.39 17.56 -9.56
CA LEU A 32 17.97 16.99 -8.29
C LEU A 32 17.44 18.08 -7.40
N SER A 33 16.30 17.77 -6.77
CA SER A 33 15.52 18.74 -6.04
C SER A 33 14.89 18.02 -4.85
N PRO A 34 15.31 18.34 -3.61
CA PRO A 34 14.78 17.65 -2.43
C PRO A 34 13.26 17.82 -2.33
N VAL A 35 12.57 16.71 -2.12
CA VAL A 35 11.11 16.76 -1.90
C VAL A 35 10.76 16.50 -0.45
N GLY A 36 11.57 15.70 0.23
CA GLY A 36 11.36 15.42 1.64
C GLY A 36 12.35 14.43 2.20
N SER A 37 12.31 14.28 3.52
CA SER A 37 13.13 13.31 4.24
C SER A 37 12.41 12.78 5.49
N GLY A 38 13.06 11.83 6.15
CA GLY A 38 12.57 11.20 7.37
C GLY A 38 13.61 10.19 7.83
N ALA A 39 13.22 9.37 8.80
CA ALA A 39 14.13 8.38 9.39
C ALA A 39 14.66 7.35 8.37
N TYR A 40 13.92 7.16 7.29
CA TYR A 40 14.22 6.19 6.22
C TYR A 40 15.34 6.66 5.28
N GLY A 41 15.49 7.99 5.18
CA GLY A 41 16.37 8.62 4.21
C GLY A 41 15.80 9.91 3.64
N SER A 42 16.12 10.17 2.36
CA SER A 42 15.78 11.39 1.66
C SER A 42 15.33 11.11 0.25
N VAL A 43 14.40 11.92 -0.23
CA VAL A 43 13.89 11.78 -1.59
C VAL A 43 14.11 13.10 -2.32
N CYS A 44 14.63 12.99 -3.53
CA CYS A 44 14.71 14.09 -4.49
C CYS A 44 13.90 13.80 -5.74
N ALA A 45 13.29 14.85 -6.29
CA ALA A 45 12.82 14.83 -7.68
C ALA A 45 14.02 15.00 -8.60
N ALA A 46 14.00 14.27 -9.71
CA ALA A 46 15.03 14.40 -10.72
C ALA A 46 14.42 14.33 -12.10
N PHE A 47 15.19 14.78 -13.07
CA PHE A 47 14.86 14.59 -14.46
C PHE A 47 15.77 13.49 -14.98
N ASP A 48 15.15 12.45 -15.50
CA ASP A 48 15.89 11.35 -16.07
C ASP A 48 16.09 11.61 -17.55
N THR A 49 17.30 12.05 -17.91
CA THR A 49 17.66 12.42 -19.30
C THR A 49 17.69 11.21 -20.24
N LYS A 50 17.79 10.01 -19.69
CA LYS A 50 17.72 8.77 -20.46
C LYS A 50 16.31 8.58 -21.03
N THR A 51 15.31 8.81 -20.18
CA THR A 51 13.91 8.49 -20.51
C THR A 51 13.03 9.70 -20.80
N GLY A 52 13.49 10.90 -20.47
CA GLY A 52 12.65 12.11 -20.45
C GLY A 52 11.63 12.17 -19.30
N LEU A 53 11.68 11.20 -18.38
CA LEU A 53 10.72 11.08 -17.27
C LEU A 53 11.19 11.84 -16.05
N ARG A 54 10.21 12.43 -15.35
CA ARG A 54 10.46 12.98 -14.03
C ARG A 54 10.43 11.81 -13.06
N VAL A 55 11.53 11.66 -12.32
CA VAL A 55 11.69 10.54 -11.39
C VAL A 55 11.90 11.04 -9.95
N ALA A 56 11.59 10.16 -8.99
CA ALA A 56 11.98 10.36 -7.59
C ALA A 56 13.14 9.45 -7.31
N VAL A 57 14.15 10.02 -6.65
CA VAL A 57 15.33 9.28 -6.28
C VAL A 57 15.41 9.29 -4.76
N LYS A 58 15.46 8.11 -4.18
CA LYS A 58 15.53 8.01 -2.73
C LYS A 58 16.86 7.42 -2.31
N LYS A 59 17.56 8.16 -1.45
CA LYS A 59 18.79 7.68 -0.80
C LYS A 59 18.40 7.14 0.57
N LEU A 60 18.64 5.85 0.78
CA LEU A 60 18.32 5.23 2.06
C LEU A 60 19.28 5.75 3.14
N SER A 61 18.78 5.97 4.35
CA SER A 61 19.67 6.31 5.45
C SER A 61 19.98 5.07 6.27
N ARG A 62 21.25 4.97 6.64
CA ARG A 62 21.77 3.89 7.49
C ARG A 62 21.30 2.50 7.01
N PRO A 63 21.41 2.22 5.68
CA PRO A 63 20.84 0.98 5.18
C PRO A 63 21.42 -0.27 5.85
N PHE A 64 22.69 -0.20 6.29
CA PHE A 64 23.38 -1.37 6.85
C PHE A 64 23.96 -1.16 8.25
N GLN A 65 23.34 -0.23 8.99
CA GLN A 65 23.76 0.13 10.35
C GLN A 65 23.69 -0.99 11.37
N SER A 66 22.69 -1.87 11.20
CA SER A 66 22.49 -2.99 12.13
C SER A 66 21.97 -4.18 11.32
N ILE A 67 21.85 -5.34 11.97
CA ILE A 67 21.19 -6.51 11.36
C ILE A 67 19.77 -6.14 10.90
N ILE A 68 19.01 -5.47 11.77
CA ILE A 68 17.63 -5.09 11.46
C ILE A 68 17.54 -4.13 10.27
N HIS A 69 18.40 -3.12 10.24
CA HIS A 69 18.44 -2.16 9.14
C HIS A 69 18.75 -2.86 7.82
N ALA A 70 19.71 -3.76 7.88
CA ALA A 70 20.21 -4.44 6.69
C ALA A 70 19.15 -5.37 6.10
N LYS A 71 18.47 -6.12 6.98
CA LYS A 71 17.39 -7.01 6.61
C LYS A 71 16.23 -6.20 6.05
N ARG A 72 15.94 -5.04 6.66
CA ARG A 72 14.91 -4.11 6.18
C ARG A 72 15.22 -3.59 4.77
N THR A 73 16.46 -3.17 4.55
CA THR A 73 16.95 -2.74 3.25
C THR A 73 16.74 -3.86 2.19
N TYR A 74 17.16 -5.07 2.55
CA TYR A 74 17.01 -6.23 1.66
C TYR A 74 15.52 -6.51 1.41
N ARG A 75 14.71 -6.49 2.47
CA ARG A 75 13.24 -6.67 2.37
C ARG A 75 12.62 -5.72 1.35
N GLU A 76 12.95 -4.44 1.52
CA GLU A 76 12.42 -3.31 0.74
CA GLU A 76 12.34 -3.40 0.72
C GLU A 76 12.83 -3.44 -0.72
N LEU A 77 14.13 -3.63 -0.93
CA LEU A 77 14.63 -3.88 -2.26
C LEU A 77 14.00 -5.11 -2.92
N ARG A 78 13.95 -6.25 -2.23
CA ARG A 78 13.41 -7.47 -2.83
C ARG A 78 11.96 -7.28 -3.27
N LEU A 79 11.16 -6.68 -2.38
CA LEU A 79 9.75 -6.40 -2.66
C LEU A 79 9.58 -5.50 -3.86
N LEU A 80 10.29 -4.36 -3.88
CA LEU A 80 10.22 -3.43 -4.99
C LEU A 80 10.59 -4.05 -6.34
N LYS A 81 11.59 -4.94 -6.34
CA LYS A 81 12.02 -5.60 -7.57
C LYS A 81 10.95 -6.54 -8.07
N HIS A 82 10.16 -7.10 -7.14
CA HIS A 82 9.10 -8.04 -7.49
C HIS A 82 7.81 -7.37 -7.94
N MET A 83 7.56 -6.16 -7.45
CA MET A 83 6.31 -5.45 -7.75
C MET A 83 6.37 -4.79 -9.11
N LYS A 84 5.75 -5.44 -10.09
CA LYS A 84 5.78 -5.02 -11.49
C LYS A 84 4.36 -4.94 -12.03
N HIS A 85 3.69 -3.83 -11.72
CA HIS A 85 2.27 -3.69 -12.02
C HIS A 85 1.97 -2.21 -12.11
N GLU A 86 1.07 -1.83 -13.02
CA GLU A 86 0.70 -0.42 -13.26
C GLU A 86 0.13 0.29 -12.03
N ASN A 87 -0.52 -0.47 -11.14
CA ASN A 87 -1.19 0.14 -9.98
C ASN A 87 -0.45 -0.08 -8.66
N VAL A 88 0.83 -0.41 -8.77
CA VAL A 88 1.70 -0.64 -7.60
C VAL A 88 3.03 0.07 -7.86
N ILE A 89 3.51 0.84 -6.88
CA ILE A 89 4.84 1.44 -7.02
C ILE A 89 5.92 0.38 -7.25
N GLY A 90 6.74 0.64 -8.26
CA GLY A 90 7.82 -0.27 -8.63
C GLY A 90 9.11 0.50 -8.84
N LEU A 91 10.08 -0.20 -9.41
CA LEU A 91 11.45 0.27 -9.52
C LEU A 91 11.81 0.58 -10.97
N LEU A 92 12.17 1.84 -11.22
CA LEU A 92 12.76 2.20 -12.50
C LEU A 92 14.25 1.88 -12.51
N ASP A 93 14.88 2.02 -11.35
CA ASP A 93 16.33 1.88 -11.24
C ASP A 93 16.68 1.68 -9.77
N VAL A 94 17.77 0.97 -9.54
CA VAL A 94 18.40 0.93 -8.22
C VAL A 94 19.89 0.98 -8.49
N PHE A 95 20.60 1.83 -7.75
CA PHE A 95 22.03 1.99 -7.98
C PHE A 95 22.78 2.28 -6.71
N THR A 96 24.10 2.16 -6.81
CA THR A 96 25.05 2.48 -5.75
C THR A 96 26.30 3.10 -6.37
N PRO A 97 26.90 4.11 -5.71
CA PRO A 97 28.16 4.66 -6.26
C PRO A 97 29.37 3.72 -6.05
N ALA A 98 29.15 2.66 -5.25
CA ALA A 98 30.15 1.61 -5.02
C ALA A 98 30.47 0.80 -6.26
N ARG A 99 31.74 0.47 -6.40
CA ARG A 99 32.23 -0.36 -7.52
C ARG A 99 32.45 -1.82 -7.10
N SER A 100 32.44 -2.08 -5.80
CA SER A 100 32.56 -3.42 -5.25
C SER A 100 31.70 -3.57 -4.01
N LEU A 101 31.55 -4.81 -3.54
CA LEU A 101 30.91 -5.11 -2.27
C LEU A 101 31.56 -4.41 -1.06
N GLU A 102 32.89 -4.38 -1.03
CA GLU A 102 33.63 -3.76 0.07
C GLU A 102 33.41 -2.24 0.12
N GLU A 103 33.27 -1.64 -1.06
CA GLU A 103 32.94 -0.22 -1.24
C GLU A 103 31.47 0.09 -0.89
N PHE A 104 30.62 -0.93 -0.92
CA PHE A 104 29.14 -0.80 -0.89
C PHE A 104 28.59 -0.27 0.42
N ASN A 105 28.15 1.00 0.42
CA ASN A 105 27.55 1.60 1.61
C ASN A 105 26.23 2.33 1.38
N ASP A 106 25.97 2.73 0.14
CA ASP A 106 24.79 3.51 -0.17
C ASP A 106 23.88 2.82 -1.18
N VAL A 107 22.58 2.97 -0.97
CA VAL A 107 21.56 2.45 -1.86
C VAL A 107 20.60 3.58 -2.23
N TYR A 108 20.43 3.73 -3.55
CA TYR A 108 19.49 4.69 -4.12
C TYR A 108 18.44 3.94 -4.94
N LEU A 109 17.19 4.33 -4.74
CA LEU A 109 16.06 3.74 -5.44
C LEU A 109 15.43 4.78 -6.34
N VAL A 110 14.99 4.34 -7.52
CA VAL A 110 14.42 5.26 -8.49
C VAL A 110 13.03 4.79 -8.92
N THR A 111 12.08 5.72 -8.92
CA THR A 111 10.73 5.44 -9.39
C THR A 111 10.13 6.66 -10.10
N HIS A 112 8.95 6.49 -10.71
CA HIS A 112 8.22 7.61 -11.34
C HIS A 112 7.92 8.64 -10.27
N LEU A 113 8.21 9.91 -10.57
CA LEU A 113 7.89 11.00 -9.63
C LEU A 113 6.38 11.12 -9.50
N MET A 114 5.89 11.05 -8.27
CA MET A 114 4.46 11.23 -8.04
C MET A 114 4.21 12.50 -7.25
N GLY A 115 3.23 13.27 -7.68
CA GLY A 115 3.03 14.61 -7.19
C GLY A 115 1.86 14.74 -6.25
N ALA A 116 1.07 13.68 -6.11
CA ALA A 116 -0.20 13.79 -5.40
C ALA A 116 -0.66 12.45 -4.84
N ASP A 117 -1.32 12.49 -3.69
CA ASP A 117 -2.00 11.30 -3.19
C ASP A 117 -3.51 11.47 -3.24
N LEU A 118 -4.23 10.41 -2.83
CA LEU A 118 -5.68 10.41 -2.97
C LEU A 118 -6.36 11.56 -2.24
N ASN A 119 -5.92 11.85 -1.01
CA ASN A 119 -6.43 13.03 -0.26
C ASN A 119 -6.45 14.35 -1.02
N ASN A 120 -5.37 14.64 -1.74
CA ASN A 120 -5.24 15.96 -2.37
C ASN A 120 -5.83 16.08 -3.78
N ILE A 121 -6.24 14.95 -4.37
CA ILE A 121 -7.10 14.96 -5.57
C ILE A 121 -8.57 15.10 -5.14
N VAL A 122 -8.93 14.34 -4.10
CA VAL A 122 -10.29 14.35 -3.55
C VAL A 122 -10.62 15.66 -2.84
N LYS A 123 -9.70 16.13 -1.99
CA LYS A 123 -9.87 17.36 -1.18
C LYS A 123 -11.12 17.28 -0.29
N SER A 124 -11.33 16.08 0.26
CA SER A 124 -12.50 15.73 1.10
C SER A 124 -13.86 16.05 0.46
N GLN A 125 -13.92 15.95 -0.88
CA GLN A 125 -15.16 16.21 -1.62
C GLN A 125 -15.82 14.93 -2.04
N LYS A 126 -17.11 15.06 -2.36
CA LYS A 126 -17.83 14.00 -3.04
C LYS A 126 -17.20 13.83 -4.44
N LEU A 127 -16.76 12.62 -4.77
CA LEU A 127 -16.40 12.33 -6.16
C LEU A 127 -17.63 11.80 -6.88
N THR A 128 -17.65 11.92 -8.21
CA THR A 128 -18.76 11.38 -8.99
C THR A 128 -18.65 9.85 -8.99
N ASP A 129 -19.77 9.19 -9.27
CA ASP A 129 -19.79 7.73 -9.24
C ASP A 129 -18.85 7.14 -10.28
N ASP A 130 -18.80 7.74 -11.46
CA ASP A 130 -17.88 7.31 -12.52
C ASP A 130 -16.42 7.40 -12.07
N HIS A 131 -16.08 8.47 -11.37
CA HIS A 131 -14.71 8.69 -10.88
C HIS A 131 -14.37 7.67 -9.79
N VAL A 132 -15.31 7.39 -8.91
CA VAL A 132 -15.12 6.36 -7.85
C VAL A 132 -14.85 4.99 -8.48
N GLN A 133 -15.67 4.63 -9.46
CA GLN A 133 -15.50 3.39 -10.18
C GLN A 133 -14.07 3.22 -10.65
N PHE A 134 -13.53 4.23 -11.32
CA PHE A 134 -12.19 4.22 -11.87
C PHE A 134 -11.10 4.11 -10.79
N LEU A 135 -11.27 4.84 -9.70
CA LEU A 135 -10.25 4.85 -8.65
C LEU A 135 -10.23 3.55 -7.89
N ILE A 136 -11.42 3.09 -7.48
CA ILE A 136 -11.54 1.84 -6.73
C ILE A 136 -11.13 0.65 -7.61
N TYR A 137 -11.52 0.68 -8.89
CA TYR A 137 -11.08 -0.35 -9.85
C TYR A 137 -9.56 -0.54 -9.80
N GLN A 138 -8.83 0.58 -9.89
CA GLN A 138 -7.38 0.58 -9.91
C GLN A 138 -6.78 0.03 -8.63
N ILE A 139 -7.33 0.45 -7.49
CA ILE A 139 -6.86 -0.05 -6.21
C ILE A 139 -7.00 -1.59 -6.18
N LEU A 140 -8.18 -2.08 -6.58
CA LEU A 140 -8.45 -3.50 -6.54
C LEU A 140 -7.61 -4.28 -7.53
N ARG A 141 -7.29 -3.67 -8.67
CA ARG A 141 -6.44 -4.29 -9.68
C ARG A 141 -5.03 -4.45 -9.12
N GLY A 142 -4.55 -3.37 -8.49
CA GLY A 142 -3.27 -3.42 -7.75
C GLY A 142 -3.31 -4.46 -6.63
N LEU A 143 -4.41 -4.50 -5.87
CA LEU A 143 -4.55 -5.46 -4.77
C LEU A 143 -4.57 -6.90 -5.19
N LYS A 144 -5.31 -7.20 -6.27
CA LYS A 144 -5.29 -8.54 -6.85
C LYS A 144 -3.86 -9.01 -7.08
N TYR A 145 -3.05 -8.16 -7.70
CA TYR A 145 -1.65 -8.46 -7.95
C TYR A 145 -0.87 -8.67 -6.63
N ILE A 146 -1.04 -7.73 -5.71
CA ILE A 146 -0.34 -7.79 -4.42
C ILE A 146 -0.70 -9.09 -3.69
N HIS A 147 -1.99 -9.39 -3.63
CA HIS A 147 -2.48 -10.55 -2.88
C HIS A 147 -2.05 -11.86 -3.54
N SER A 148 -1.93 -11.84 -4.88
CA SER A 148 -1.47 -13.01 -5.64
C SER A 148 -0.01 -13.35 -5.34
N ALA A 149 0.77 -12.37 -4.88
CA ALA A 149 2.16 -12.61 -4.41
C ALA A 149 2.18 -13.06 -2.95
N ASP A 150 1.00 -13.35 -2.40
CA ASP A 150 0.84 -13.74 -0.99
C ASP A 150 1.40 -12.64 -0.07
N ILE A 151 1.05 -11.39 -0.40
CA ILE A 151 1.39 -10.22 0.43
C ILE A 151 0.09 -9.61 0.89
N ILE A 152 0.07 -9.11 2.12
CA ILE A 152 -1.06 -8.32 2.62
C ILE A 152 -0.54 -6.91 2.86
N HIS A 153 -1.19 -5.90 2.28
CA HIS A 153 -0.70 -4.53 2.41
C HIS A 153 -0.77 -4.08 3.88
N ARG A 154 -1.93 -4.26 4.51
CA ARG A 154 -2.17 -3.99 5.94
C ARG A 154 -2.30 -2.52 6.31
N ASP A 155 -1.99 -1.61 5.38
CA ASP A 155 -1.94 -0.19 5.71
C ASP A 155 -2.54 0.68 4.62
N LEU A 156 -3.54 0.15 3.93
CA LEU A 156 -4.22 0.88 2.88
C LEU A 156 -4.99 2.05 3.46
N LYS A 157 -4.71 3.23 2.91
CA LYS A 157 -5.38 4.47 3.30
C LYS A 157 -5.13 5.49 2.17
N PRO A 158 -5.89 6.62 2.14
CA PRO A 158 -5.69 7.61 1.08
C PRO A 158 -4.24 8.05 0.88
N SER A 159 -3.48 8.24 1.97
CA SER A 159 -2.09 8.68 1.86
C SER A 159 -1.15 7.62 1.28
N ASN A 160 -1.59 6.37 1.23
CA ASN A 160 -0.83 5.32 0.56
C ASN A 160 -1.30 5.08 -0.89
N LEU A 161 -2.05 6.03 -1.44
CA LEU A 161 -2.48 5.90 -2.82
C LEU A 161 -2.08 7.14 -3.59
N ALA A 162 -1.14 6.95 -4.51
CA ALA A 162 -0.67 8.04 -5.36
C ALA A 162 -1.54 8.13 -6.60
N VAL A 163 -1.90 9.35 -6.99
CA VAL A 163 -2.86 9.58 -8.07
C VAL A 163 -2.36 10.76 -8.91
N ASN A 164 -2.11 10.55 -10.20
CA ASN A 164 -1.68 11.68 -11.06
C ASN A 164 -2.91 12.46 -11.56
N GLU A 165 -2.68 13.44 -12.43
CA GLU A 165 -3.73 14.30 -12.97
C GLU A 165 -4.79 13.53 -13.74
N ASP A 166 -4.36 12.47 -14.43
CA ASP A 166 -5.27 11.56 -15.15
C ASP A 166 -5.99 10.53 -14.25
N SER A 167 -5.93 10.76 -12.94
CA SER A 167 -6.46 9.85 -11.90
C SER A 167 -5.94 8.41 -11.99
N GLU A 168 -4.78 8.25 -12.63
CA GLU A 168 -4.09 6.97 -12.64
C GLU A 168 -3.43 6.83 -11.28
N LEU A 169 -3.64 5.66 -10.69
CA LEU A 169 -3.38 5.41 -9.29
C LEU A 169 -2.34 4.33 -9.09
N LYS A 170 -1.47 4.52 -8.09
CA LYS A 170 -0.54 3.47 -7.62
C LYS A 170 -0.61 3.31 -6.12
N ILE A 171 -0.57 2.05 -5.69
CA ILE A 171 -0.51 1.69 -4.27
C ILE A 171 0.93 1.85 -3.76
N LEU A 172 1.05 2.57 -2.64
CA LEU A 172 2.30 2.81 -1.93
C LEU A 172 2.28 2.10 -0.58
N ASP A 173 3.45 1.99 0.05
CA ASP A 173 3.58 1.42 1.39
C ASP A 173 3.88 2.48 2.46
N PHE A 174 4.40 3.62 2.02
CA PHE A 174 5.08 4.60 2.87
C PHE A 174 4.65 6.05 2.67
N GLY A 175 3.65 6.25 1.80
CA GLY A 175 3.19 7.60 1.46
C GLY A 175 4.20 8.37 0.61
N LEU A 176 3.92 9.64 0.38
CA LEU A 176 4.84 10.51 -0.34
C LEU A 176 5.74 11.28 0.61
N ALA A 177 6.89 11.74 0.11
CA ALA A 177 7.91 12.45 0.91
C ALA A 177 7.48 13.84 1.38
N ALA A 189 -6.48 9.67 11.01
CA ALA A 189 -5.46 8.67 11.34
C ALA A 189 -5.48 7.44 10.45
N THR A 190 -4.50 6.56 10.62
CA THR A 190 -4.44 5.24 9.96
C THR A 190 -5.55 4.29 10.44
N ARG A 191 -5.94 4.46 11.71
CA ARG A 191 -6.93 3.57 12.33
C ARG A 191 -8.29 3.63 11.64
N TRP A 192 -8.59 4.77 11.01
CA TRP A 192 -9.86 4.95 10.26
C TRP A 192 -10.13 3.93 9.17
N TYR A 193 -9.07 3.32 8.64
CA TYR A 193 -9.20 2.37 7.50
C TYR A 193 -8.85 0.91 7.88
N ARG A 194 -8.54 0.70 9.14
CA ARG A 194 -8.11 -0.61 9.64
C ARG A 194 -9.29 -1.54 9.91
N ALA A 195 -9.19 -2.77 9.43
CA ALA A 195 -10.21 -3.79 9.65
C ALA A 195 -10.42 -4.08 11.15
N PRO A 196 -11.68 -4.35 11.56
CA PRO A 196 -11.98 -4.53 12.98
C PRO A 196 -11.17 -5.67 13.60
N GLU A 197 -10.91 -6.75 12.85
CA GLU A 197 -10.11 -7.86 13.38
C GLU A 197 -8.69 -7.48 13.80
N ILE A 198 -8.11 -6.49 13.12
CA ILE A 198 -6.81 -5.90 13.54
C ILE A 198 -7.01 -4.95 14.74
N MET A 199 -8.10 -4.19 14.74
CA MET A 199 -8.47 -3.28 15.86
C MET A 199 -8.61 -4.06 17.16
N LEU A 200 -9.37 -5.16 17.09
CA LEU A 200 -9.41 -6.15 18.17
C LEU A 200 -8.11 -6.96 18.04
N ASN A 201 -7.71 -7.73 19.02
CA ASN A 201 -6.45 -8.44 18.78
C ASN A 201 -6.63 -9.84 18.20
N TRP A 202 -7.50 -9.99 17.19
CA TRP A 202 -7.73 -11.31 16.59
C TRP A 202 -6.51 -11.74 15.76
N MET A 203 -5.81 -12.75 16.25
CA MET A 203 -4.48 -13.09 15.72
C MET A 203 -4.47 -14.01 14.50
N HIS A 204 -5.51 -13.91 13.66
CA HIS A 204 -5.64 -14.69 12.43
C HIS A 204 -6.45 -13.91 11.41
N TYR A 205 -5.76 -13.09 10.63
CA TYR A 205 -6.45 -12.30 9.63
C TYR A 205 -6.06 -12.77 8.23
N ASN A 206 -6.87 -12.42 7.24
CA ASN A 206 -6.55 -12.79 5.87
C ASN A 206 -6.35 -11.52 5.01
N GLN A 207 -6.12 -11.73 3.72
CA GLN A 207 -5.87 -10.62 2.78
C GLN A 207 -7.00 -9.60 2.71
N THR A 208 -8.23 -10.02 3.05
CA THR A 208 -9.40 -9.13 2.99
C THR A 208 -9.39 -8.02 4.05
N VAL A 209 -8.39 -7.99 4.94
CA VAL A 209 -8.18 -6.76 5.75
C VAL A 209 -7.93 -5.54 4.85
N ASP A 210 -7.32 -5.79 3.66
CA ASP A 210 -7.09 -4.74 2.69
C ASP A 210 -8.37 -4.35 1.99
N ILE A 211 -9.27 -5.33 1.80
CA ILE A 211 -10.60 -5.09 1.20
C ILE A 211 -11.46 -4.24 2.11
N TRP A 212 -11.40 -4.51 3.42
CA TRP A 212 -12.06 -3.62 4.40
C TRP A 212 -11.62 -2.18 4.18
N SER A 213 -10.29 -1.97 4.10
CA SER A 213 -9.71 -0.64 3.88
C SER A 213 -10.25 0.00 2.60
N VAL A 214 -10.27 -0.77 1.52
CA VAL A 214 -10.81 -0.32 0.24
C VAL A 214 -12.27 0.12 0.38
N GLY A 215 -13.07 -0.61 1.14
CA GLY A 215 -14.47 -0.27 1.35
C GLY A 215 -14.60 1.07 2.04
N CYS A 216 -13.76 1.30 3.06
CA CYS A 216 -13.71 2.56 3.81
C CYS A 216 -13.35 3.72 2.91
N ILE A 217 -12.36 3.49 2.04
CA ILE A 217 -11.93 4.51 1.08
C ILE A 217 -13.06 4.79 0.10
N MET A 218 -13.65 3.73 -0.45
CA MET A 218 -14.74 3.87 -1.40
C MET A 218 -15.92 4.66 -0.84
N ALA A 219 -16.35 4.30 0.37
CA ALA A 219 -17.44 4.99 1.06
C ALA A 219 -17.15 6.50 1.17
N GLU A 220 -15.93 6.83 1.55
CA GLU A 220 -15.51 8.20 1.77
C GLU A 220 -15.49 8.98 0.44
N LEU A 221 -15.03 8.33 -0.62
CA LEU A 221 -15.03 8.95 -1.97
C LEU A 221 -16.44 9.28 -2.43
N LEU A 222 -17.38 8.36 -2.16
CA LEU A 222 -18.78 8.55 -2.53
C LEU A 222 -19.49 9.62 -1.70
N THR A 223 -19.20 9.65 -0.40
CA THR A 223 -19.97 10.48 0.54
C THR A 223 -19.30 11.83 0.80
N GLY A 224 -18.00 11.89 0.60
CA GLY A 224 -17.19 13.04 1.00
C GLY A 224 -16.89 13.09 2.48
N ARG A 225 -17.25 12.03 3.23
CA ARG A 225 -16.98 11.95 4.67
C ARG A 225 -16.32 10.64 5.08
N THR A 226 -15.37 10.74 6.01
CA THR A 226 -14.72 9.54 6.56
C THR A 226 -15.80 8.59 7.08
N LEU A 227 -15.71 7.32 6.70
CA LEU A 227 -16.72 6.36 7.12
C LEU A 227 -16.75 6.11 8.64
N PHE A 228 -15.57 5.83 9.21
CA PHE A 228 -15.43 5.54 10.65
C PHE A 228 -14.33 6.41 11.21
N PRO A 229 -14.61 7.70 11.48
CA PRO A 229 -13.59 8.59 12.03
C PRO A 229 -13.51 8.47 13.57
N GLY A 230 -13.00 7.34 14.05
CA GLY A 230 -12.87 7.11 15.49
C GLY A 230 -11.90 8.10 16.14
N THR A 231 -12.22 8.51 17.36
CA THR A 231 -11.38 9.43 18.11
C THR A 231 -10.19 8.71 18.76
N ASP A 232 -10.36 7.42 18.97
CA ASP A 232 -9.37 6.56 19.61
C ASP A 232 -9.69 5.13 19.25
N HIS A 233 -8.93 4.20 19.82
CA HIS A 233 -9.03 2.80 19.44
C HIS A 233 -10.44 2.25 19.68
N ILE A 234 -10.99 2.58 20.85
CA ILE A 234 -12.29 2.12 21.32
C ILE A 234 -13.43 2.73 20.49
N ASP A 235 -13.42 4.05 20.37
CA ASP A 235 -14.35 4.76 19.48
C ASP A 235 -14.40 4.17 18.07
N GLN A 236 -13.22 3.87 17.51
CA GLN A 236 -13.10 3.28 16.17
C GLN A 236 -13.94 2.03 16.04
N LEU A 237 -13.82 1.14 17.02
CA LEU A 237 -14.55 -0.12 16.96
C LEU A 237 -16.04 0.12 17.17
N LYS A 238 -16.38 1.03 18.09
CA LYS A 238 -17.76 1.45 18.32
C LYS A 238 -18.42 1.91 17.02
N LEU A 239 -17.72 2.77 16.27
CA LEU A 239 -18.24 3.27 15.02
C LEU A 239 -18.42 2.16 14.00
N ILE A 240 -17.43 1.28 13.89
CA ILE A 240 -17.51 0.15 12.97
C ILE A 240 -18.72 -0.72 13.29
N LEU A 241 -18.86 -1.09 14.56
CA LEU A 241 -19.90 -2.06 14.95
C LEU A 241 -21.33 -1.53 14.84
N ARG A 242 -21.49 -0.22 15.00
CA ARG A 242 -22.76 0.45 14.77
C ARG A 242 -23.25 0.28 13.33
N LEU A 243 -22.32 0.26 12.37
CA LEU A 243 -22.68 0.02 10.99
C LEU A 243 -22.84 -1.47 10.62
N VAL A 244 -21.83 -2.28 10.97
CA VAL A 244 -21.76 -3.66 10.47
C VAL A 244 -22.40 -4.66 11.43
N GLY A 245 -22.86 -4.16 12.57
CA GLY A 245 -23.43 -4.97 13.64
C GLY A 245 -22.40 -5.67 14.52
N THR A 246 -22.85 -6.11 15.69
CA THR A 246 -22.05 -7.00 16.54
C THR A 246 -21.95 -8.39 15.88
N PRO A 247 -20.88 -9.16 16.17
CA PRO A 247 -20.73 -10.51 15.60
C PRO A 247 -21.97 -11.40 15.75
N GLY A 248 -22.43 -11.96 14.63
CA GLY A 248 -23.51 -12.96 14.68
C GLY A 248 -22.99 -14.28 15.22
N ALA A 249 -23.90 -15.24 15.42
CA ALA A 249 -23.53 -16.55 15.98
C ALA A 249 -22.46 -17.30 15.18
N GLU A 250 -22.50 -17.21 13.84
CA GLU A 250 -21.47 -17.84 12.98
C GLU A 250 -20.06 -17.29 13.25
N LEU A 251 -19.94 -15.97 13.37
CA LEU A 251 -18.63 -15.36 13.65
C LEU A 251 -18.11 -15.67 15.06
N LEU A 252 -18.96 -15.53 16.08
CA LEU A 252 -18.62 -15.87 17.46
C LEU A 252 -18.06 -17.30 17.62
N LYS A 253 -18.58 -18.25 16.86
CA LYS A 253 -18.10 -19.64 16.85
C LYS A 253 -16.65 -19.79 16.38
N LYS A 254 -16.11 -18.76 15.76
CA LYS A 254 -14.74 -18.78 15.23
C LYS A 254 -13.75 -18.00 16.10
N ILE A 255 -14.24 -17.46 17.22
CA ILE A 255 -13.40 -16.71 18.13
C ILE A 255 -12.91 -17.63 19.25
N SER A 256 -11.60 -17.84 19.27
CA SER A 256 -10.94 -18.85 20.13
C SER A 256 -10.86 -18.50 21.62
N SER A 257 -10.61 -17.23 21.93
CA SER A 257 -10.41 -16.78 23.31
C SER A 257 -11.72 -16.46 23.98
N GLU A 258 -11.92 -17.04 25.16
CA GLU A 258 -13.09 -16.77 26.01
C GLU A 258 -13.26 -15.26 26.27
N SER A 259 -12.17 -14.62 26.70
CA SER A 259 -12.15 -13.19 27.05
C SER A 259 -12.47 -12.28 25.87
N ALA A 260 -12.01 -12.66 24.68
CA ALA A 260 -12.35 -11.97 23.44
C ALA A 260 -13.84 -12.06 23.14
N ARG A 261 -14.43 -13.22 23.39
CA ARG A 261 -15.87 -13.42 23.25
C ARG A 261 -16.62 -12.69 24.35
N ASN A 262 -16.07 -12.72 25.57
CA ASN A 262 -16.60 -11.97 26.70
C ASN A 262 -16.62 -10.46 26.43
N TYR A 263 -15.61 -9.99 25.69
CA TYR A 263 -15.47 -8.57 25.33
C TYR A 263 -16.53 -8.17 24.31
N ILE A 264 -16.81 -9.08 23.38
CA ILE A 264 -17.81 -8.89 22.34
C ILE A 264 -19.22 -8.80 22.93
N GLN A 265 -19.51 -9.72 23.84
CA GLN A 265 -20.81 -9.82 24.50
C GLN A 265 -21.08 -8.70 25.51
N SER A 266 -20.02 -8.24 26.19
CA SER A 266 -20.10 -7.13 27.16
C SER A 266 -20.57 -5.82 26.52
N LEU A 267 -19.98 -5.50 25.37
CA LEU A 267 -20.36 -4.36 24.56
C LEU A 267 -21.78 -4.56 24.01
N THR A 268 -22.51 -3.45 23.84
CA THR A 268 -23.93 -3.46 23.45
C THR A 268 -24.17 -4.05 22.04
N GLN A 269 -25.22 -4.89 21.96
CA GLN A 269 -25.54 -5.68 20.77
C GLN A 269 -26.41 -4.88 19.79
N MET A 270 -25.88 -4.64 18.61
CA MET A 270 -26.60 -3.89 17.59
C MET A 270 -26.67 -4.65 16.26
N PRO A 271 -27.82 -4.58 15.56
CA PRO A 271 -27.95 -5.13 14.22
C PRO A 271 -27.06 -4.43 13.20
N LYS A 272 -26.74 -5.14 12.12
CA LYS A 272 -26.15 -4.57 10.93
C LYS A 272 -27.18 -3.60 10.34
N MET A 273 -26.70 -2.42 9.98
CA MET A 273 -27.52 -1.45 9.26
C MET A 273 -27.63 -1.84 7.81
N ASN A 274 -28.74 -1.45 7.18
CA ASN A 274 -28.91 -1.63 5.73
C ASN A 274 -28.17 -0.49 5.04
N PHE A 275 -27.12 -0.84 4.31
CA PHE A 275 -26.23 0.16 3.69
C PHE A 275 -26.99 1.07 2.72
N ALA A 276 -28.08 0.57 2.14
CA ALA A 276 -28.94 1.40 1.29
C ALA A 276 -29.53 2.60 2.04
N ASN A 277 -29.78 2.43 3.35
CA ASN A 277 -30.28 3.50 4.23
C ASN A 277 -29.14 4.31 4.86
N VAL A 278 -27.91 4.01 4.46
CA VAL A 278 -26.72 4.71 4.93
C VAL A 278 -26.14 5.55 3.79
N PHE A 279 -25.91 4.93 2.64
CA PHE A 279 -25.34 5.61 1.49
C PHE A 279 -26.44 6.08 0.56
N ILE A 280 -27.10 7.15 1.01
CA ILE A 280 -28.28 7.70 0.38
C ILE A 280 -27.92 8.29 -0.96
N GLY A 281 -28.65 7.87 -1.99
CA GLY A 281 -28.48 8.36 -3.36
C GLY A 281 -27.35 7.70 -4.13
N ALA A 282 -26.66 6.76 -3.51
CA ALA A 282 -25.54 6.11 -4.18
C ALA A 282 -26.04 5.11 -5.22
N ASN A 283 -25.25 4.89 -6.25
CA ASN A 283 -25.45 3.82 -7.22
C ASN A 283 -25.77 2.50 -6.47
N PRO A 284 -26.91 1.86 -6.75
CA PRO A 284 -27.18 0.61 -6.01
C PRO A 284 -26.07 -0.44 -6.09
N LEU A 285 -25.31 -0.46 -7.19
CA LEU A 285 -24.16 -1.35 -7.30
C LEU A 285 -23.00 -0.97 -6.39
N ALA A 286 -22.76 0.33 -6.22
CA ALA A 286 -21.80 0.81 -5.21
C ALA A 286 -22.19 0.28 -3.81
N VAL A 287 -23.48 0.41 -3.47
CA VAL A 287 -24.00 -0.03 -2.17
C VAL A 287 -23.81 -1.56 -1.99
N ASP A 288 -24.13 -2.33 -3.03
CA ASP A 288 -23.96 -3.79 -2.98
C ASP A 288 -22.51 -4.19 -2.75
N LEU A 289 -21.59 -3.56 -3.50
CA LEU A 289 -20.17 -3.83 -3.32
C LEU A 289 -19.65 -3.45 -1.91
N LEU A 290 -20.10 -2.31 -1.38
CA LEU A 290 -19.72 -1.88 -0.02
C LEU A 290 -20.16 -2.91 1.00
N GLU A 291 -21.40 -3.40 0.87
CA GLU A 291 -21.92 -4.51 1.69
C GLU A 291 -20.99 -5.73 1.66
N LYS A 292 -20.46 -6.05 0.47
CA LYS A 292 -19.58 -7.22 0.32
C LYS A 292 -18.15 -6.99 0.83
N MET A 293 -17.72 -5.74 0.86
CA MET A 293 -16.41 -5.34 1.35
C MET A 293 -16.40 -5.18 2.85
N LEU A 294 -17.51 -4.71 3.40
CA LEU A 294 -17.56 -4.34 4.81
C LEU A 294 -18.32 -5.33 5.69
N VAL A 295 -18.23 -6.61 5.32
CA VAL A 295 -18.70 -7.74 6.13
C VAL A 295 -17.75 -7.83 7.31
N LEU A 296 -18.33 -7.94 8.51
CA LEU A 296 -17.53 -8.06 9.71
C LEU A 296 -16.70 -9.35 9.70
N ASP A 297 -17.32 -10.45 9.33
CA ASP A 297 -16.65 -11.73 9.21
C ASP A 297 -15.75 -11.73 7.98
N SER A 298 -14.45 -11.66 8.22
CA SER A 298 -13.47 -11.59 7.11
C SER A 298 -13.47 -12.82 6.18
N ASP A 299 -13.98 -13.94 6.67
CA ASP A 299 -14.14 -15.16 5.86
C ASP A 299 -15.21 -14.97 4.78
N LYS A 300 -16.11 -14.02 5.00
CA LYS A 300 -17.19 -13.76 4.06
C LYS A 300 -16.95 -12.50 3.23
N ARG A 301 -15.87 -11.80 3.50
CA ARG A 301 -15.53 -10.54 2.78
C ARG A 301 -15.07 -10.86 1.36
N ILE A 302 -15.55 -10.08 0.38
CA ILE A 302 -15.20 -10.23 -1.04
C ILE A 302 -13.67 -10.12 -1.23
N THR A 303 -13.11 -10.93 -2.13
CA THR A 303 -11.68 -10.81 -2.46
C THR A 303 -11.48 -9.71 -3.51
N ALA A 304 -10.22 -9.30 -3.72
CA ALA A 304 -9.89 -8.33 -4.77
C ALA A 304 -10.35 -8.82 -6.15
N ALA A 305 -10.02 -10.07 -6.50
CA ALA A 305 -10.41 -10.65 -7.78
C ALA A 305 -11.92 -10.72 -7.97
N GLN A 306 -12.65 -11.16 -6.93
CA GLN A 306 -14.12 -11.22 -7.02
C GLN A 306 -14.68 -9.80 -7.16
N ALA A 307 -14.09 -8.84 -6.46
CA ALA A 307 -14.57 -7.45 -6.53
C ALA A 307 -14.41 -6.83 -7.93
N LEU A 308 -13.33 -7.19 -8.62
CA LEU A 308 -13.10 -6.69 -9.97
C LEU A 308 -14.18 -7.18 -10.96
N ALA A 309 -14.71 -8.37 -10.70
CA ALA A 309 -15.77 -8.98 -11.50
C ALA A 309 -17.16 -8.45 -11.14
N HIS A 310 -17.25 -7.62 -10.10
CA HIS A 310 -18.53 -7.10 -9.66
C HIS A 310 -19.04 -6.10 -10.70
N ALA A 311 -20.37 -6.13 -10.90
CA ALA A 311 -21.06 -5.31 -11.93
C ALA A 311 -20.75 -3.82 -11.83
N TYR A 312 -20.40 -3.36 -10.63
CA TYR A 312 -20.02 -1.96 -10.45
C TYR A 312 -18.86 -1.53 -11.35
N PHE A 313 -17.97 -2.46 -11.66
CA PHE A 313 -16.79 -2.19 -12.47
C PHE A 313 -16.92 -2.53 -13.93
N ALA A 314 -18.15 -2.73 -14.40
CA ALA A 314 -18.43 -3.20 -15.78
C ALA A 314 -17.78 -2.33 -16.86
N GLN A 315 -17.64 -1.03 -16.61
CA GLN A 315 -17.02 -0.17 -17.61
C GLN A 315 -15.50 -0.25 -17.63
N TYR A 316 -14.89 -0.86 -16.60
CA TYR A 316 -13.43 -0.97 -16.54
C TYR A 316 -12.88 -2.38 -16.54
N HIS A 317 -13.70 -3.33 -16.10
CA HIS A 317 -13.26 -4.71 -15.87
C HIS A 317 -12.81 -5.36 -17.17
N ASP A 318 -11.59 -5.88 -17.16
CA ASP A 318 -11.07 -6.66 -18.26
C ASP A 318 -10.33 -7.84 -17.65
N PRO A 319 -10.96 -9.05 -17.68
CA PRO A 319 -10.34 -10.24 -17.06
C PRO A 319 -8.98 -10.62 -17.65
N ASP A 320 -8.68 -10.11 -18.84
CA ASP A 320 -7.42 -10.41 -19.49
C ASP A 320 -6.32 -9.39 -19.29
N ASP A 321 -6.64 -8.31 -18.58
CA ASP A 321 -5.64 -7.30 -18.22
C ASP A 321 -5.75 -6.97 -16.75
N GLU A 322 -5.89 -8.02 -15.94
CA GLU A 322 -5.85 -7.85 -14.49
C GLU A 322 -4.82 -8.86 -13.99
N PRO A 323 -3.52 -8.58 -14.25
CA PRO A 323 -2.50 -9.63 -14.09
C PRO A 323 -2.19 -9.95 -12.63
N VAL A 324 -1.58 -11.11 -12.44
CA VAL A 324 -1.13 -11.55 -11.14
C VAL A 324 0.39 -11.56 -11.12
N ALA A 325 0.94 -11.58 -9.93
CA ALA A 325 2.38 -11.58 -9.72
C ALA A 325 2.95 -12.99 -9.82
N ASP A 326 4.24 -13.06 -10.15
CA ASP A 326 5.02 -14.27 -9.96
C ASP A 326 4.99 -14.69 -8.48
N PRO A 327 5.20 -15.99 -8.20
CA PRO A 327 5.43 -16.45 -6.81
C PRO A 327 6.49 -15.60 -6.11
N TYR A 328 6.21 -15.16 -4.90
CA TYR A 328 7.15 -14.31 -4.18
C TYR A 328 7.79 -15.07 -3.01
N ASP A 329 9.09 -15.35 -3.14
CA ASP A 329 9.81 -16.12 -2.13
C ASP A 329 10.14 -15.23 -0.92
N GLN A 330 9.38 -15.41 0.15
CA GLN A 330 9.57 -14.65 1.39
C GLN A 330 10.27 -15.42 2.51
N SER A 331 10.94 -16.51 2.15
CA SER A 331 11.66 -17.36 3.12
C SER A 331 12.77 -16.62 3.89
N PHE A 332 13.31 -15.55 3.31
CA PHE A 332 14.36 -14.73 3.99
C PHE A 332 13.86 -14.17 5.32
N GLU A 333 12.55 -13.93 5.39
CA GLU A 333 11.89 -13.41 6.58
C GLU A 333 12.16 -14.26 7.84
N SER A 334 12.27 -15.57 7.67
CA SER A 334 12.51 -16.48 8.79
C SER A 334 14.00 -16.66 9.13
N ARG A 335 14.89 -16.04 8.37
CA ARG A 335 16.34 -16.20 8.58
C ARG A 335 16.94 -15.14 9.49
N ASP A 336 17.91 -15.58 10.28
CA ASP A 336 18.71 -14.71 11.13
C ASP A 336 20.16 -14.79 10.63
N LEU A 337 20.56 -13.72 9.96
CA LEU A 337 21.85 -13.63 9.29
C LEU A 337 22.63 -12.46 9.86
N LEU A 338 23.92 -12.42 9.56
CA LEU A 338 24.79 -11.34 10.00
C LEU A 338 24.63 -10.13 9.07
N ILE A 339 25.03 -8.94 9.55
CA ILE A 339 24.92 -7.69 8.77
C ILE A 339 25.55 -7.80 7.40
N ASP A 340 26.78 -8.33 7.35
CA ASP A 340 27.48 -8.48 6.07
C ASP A 340 26.83 -9.45 5.11
N GLU A 341 26.11 -10.44 5.64
CA GLU A 341 25.31 -11.35 4.82
C GLU A 341 24.12 -10.63 4.19
N TRP A 342 23.34 -9.89 4.99
CA TRP A 342 22.24 -9.08 4.46
C TRP A 342 22.75 -8.04 3.44
N LYS A 343 23.87 -7.41 3.76
CA LYS A 343 24.53 -6.41 2.88
C LYS A 343 24.91 -7.05 1.54
N SER A 344 25.57 -8.22 1.61
CA SER A 344 25.94 -8.96 0.41
C SER A 344 24.73 -9.37 -0.45
N LEU A 345 23.69 -9.89 0.20
CA LEU A 345 22.43 -10.23 -0.46
C LEU A 345 21.76 -9.04 -1.12
N THR A 346 21.81 -7.89 -0.47
CA THR A 346 21.30 -6.65 -1.03
C THR A 346 22.13 -6.24 -2.23
N TYR A 347 23.46 -6.28 -2.08
CA TYR A 347 24.37 -5.95 -3.19
C TYR A 347 24.07 -6.77 -4.44
N ASP A 348 23.89 -8.09 -4.26
CA ASP A 348 23.51 -9.01 -5.33
C ASP A 348 22.25 -8.53 -6.05
N GLU A 349 21.28 -8.03 -5.29
CA GLU A 349 20.00 -7.56 -5.84
C GLU A 349 20.13 -6.24 -6.59
N VAL A 350 21.07 -5.40 -6.14
CA VAL A 350 21.39 -4.15 -6.84
C VAL A 350 21.97 -4.49 -8.22
N ILE A 351 23.00 -5.33 -8.25
CA ILE A 351 23.71 -5.67 -9.50
C ILE A 351 22.87 -6.50 -10.49
N SER A 352 21.97 -7.33 -9.98
CA SER A 352 21.11 -8.15 -10.85
C SER A 352 19.87 -7.42 -11.42
N PHE A 353 19.59 -6.20 -10.94
CA PHE A 353 18.43 -5.43 -11.39
C PHE A 353 18.42 -5.21 -12.90
N VAL A 354 17.32 -5.60 -13.53
CA VAL A 354 17.11 -5.30 -14.96
C VAL A 354 16.00 -4.27 -15.06
N PRO A 355 16.28 -3.10 -15.67
CA PRO A 355 15.23 -2.08 -15.78
C PRO A 355 13.98 -2.61 -16.51
N PRO A 356 12.79 -1.99 -16.25
CA PRO A 356 11.63 -2.42 -17.04
C PRO A 356 11.76 -1.89 -18.49
N PRO A 357 11.10 -2.53 -19.49
CA PRO A 357 11.33 -2.19 -20.91
C PRO A 357 10.98 -0.75 -21.29
O24 T75 B . 6.97 12.84 -2.50
C22 T75 B . 6.81 13.19 -3.67
C23 T75 B . 6.37 14.59 -3.95
C29 T75 B . 6.70 15.21 -5.17
C28 T75 B . 6.28 16.52 -5.44
C27 T75 B . 5.52 17.21 -4.49
C26 T75 B . 5.18 16.59 -3.28
C25 T75 B . 5.60 15.30 -3.01
N19 T75 B . 7.04 12.35 -4.71
C8 T75 B . 7.45 11.01 -4.70
C7 T75 B . 7.92 10.36 -3.54
N9 T75 B . 7.35 10.33 -5.84
C10 T75 B . 7.69 9.04 -5.94
C11 T75 B . 8.17 8.35 -4.85
C6 T75 B . 8.31 9.02 -3.61
C5 T75 B . 8.79 8.34 -2.38
S4 T75 B . 8.20 8.85 -0.80
C3 T75 B . 9.13 7.64 -0.03
C20 T75 B . 9.19 7.41 1.48
C21 T75 B . 8.30 8.39 2.23
N2 T75 B . 9.78 6.96 -0.89
C1 T75 B . 9.64 7.27 -2.17
C12 T75 B . 10.41 6.52 -3.19
C17 T75 B . 11.31 7.22 -4.02
C16 T75 B . 12.07 6.55 -4.97
C15 T75 B . 11.94 5.18 -5.10
C14 T75 B . 11.06 4.48 -4.28
C18 T75 B . 10.93 2.99 -4.45
C13 T75 B . 10.30 5.12 -3.33
#